data_6OOQ
#
_entry.id   6OOQ
#
_cell.length_a   93.477
_cell.length_b   71.369
_cell.length_c   113.142
_cell.angle_alpha   90.00
_cell.angle_beta   109.73
_cell.angle_gamma   90.00
#
_symmetry.space_group_name_H-M   'C 1 2 1'
#
loop_
_entity.id
_entity.type
_entity.pdbx_description
1 polymer 'Multidrug transporter MdfA'
2 non-polymer '(3ALPHA,5BETA,12ALPHA)-3,12-DIHYDROXYCHOLAN-24-OIC ACID'
#
_entity_poly.entity_id   1
_entity_poly.type   'polypeptide(L)'
_entity_poly.pdbx_seq_one_letter_code
;ARLGRQALLFPLCLVLYEFSTYIGNDMIQPGMLAVVEQYQAGIDWVPTSMTAYLAGGMFLQWLLGPLSDRIGRRPVMLAG
VVWFIVTCLAILLAQNIEQFTLLRFLQGISLCFIGAVGYAAIQESFEEAVCIKITALMANVALIAPLLGPLVGAAWIHVL
PWEGMFVLFAALAAISFFGLQRAMPETATRIGEKLSLKELGRDYKLVLKNGRFVAGALALGFVSLPLLAWTAQSPIIIIT
GEQLSSYEYGLLQVPIFGALIAGNLLLARLTSRRTVRSLIIMGGWPIMIGLLVAAAATVISSHAYLWMTAGLSIYAFGIG
LANAGLVRLTLFASDMSKGTVSAAMEMLQMLIFTVGIEISKHAWLNGGNGLFNLFNLVNGILWLSLMVIFLK
;
_entity_poly.pdbx_strand_id   A
#
loop_
_chem_comp.id
_chem_comp.type
_chem_comp.name
_chem_comp.formula
DXC non-polymer '(3ALPHA,5BETA,12ALPHA)-3,12-DIHYDROXYCHOLAN-24-OIC ACID' 'C24 H40 O4'
#
# COMPACT_ATOMS: atom_id res chain seq x y z
N ALA A 1 4.94 9.03 -32.67
CA ALA A 1 3.64 8.35 -32.43
C ALA A 1 3.53 7.75 -31.02
N ARG A 2 4.68 7.44 -30.43
CA ARG A 2 4.72 6.77 -29.11
C ARG A 2 5.67 7.40 -28.06
N LEU A 3 6.98 7.48 -28.36
CA LEU A 3 7.99 7.95 -27.38
C LEU A 3 9.22 8.67 -27.98
N GLY A 4 9.98 9.35 -27.11
CA GLY A 4 11.19 10.09 -27.53
C GLY A 4 12.20 10.30 -26.41
N ARG A 5 12.36 11.56 -25.98
CA ARG A 5 13.23 11.94 -24.86
C ARG A 5 12.97 13.38 -24.37
N GLN A 6 11.83 13.95 -24.75
CA GLN A 6 11.50 15.37 -24.48
C GLN A 6 10.31 15.60 -23.54
N ALA A 7 9.31 14.72 -23.59
CA ALA A 7 8.10 14.86 -22.78
C ALA A 7 8.17 14.10 -21.44
N LEU A 8 9.38 14.00 -20.88
CA LEU A 8 9.64 13.30 -19.61
C LEU A 8 9.17 14.11 -18.38
N LEU A 9 8.67 15.32 -18.62
CA LEU A 9 8.12 16.15 -17.55
C LEU A 9 6.71 15.70 -17.14
N PHE A 10 6.08 14.86 -17.96
CA PHE A 10 4.75 14.31 -17.66
C PHE A 10 4.73 13.09 -16.72
N PRO A 11 5.61 12.09 -16.97
CA PRO A 11 5.63 10.93 -16.07
C PRO A 11 5.98 11.29 -14.62
N LEU A 12 6.82 12.29 -14.41
CA LEU A 12 7.17 12.76 -13.05
C LEU A 12 5.97 13.44 -12.38
N CYS A 13 5.01 13.88 -13.19
CA CYS A 13 3.76 14.39 -12.67
C CYS A 13 2.90 13.25 -12.13
N LEU A 14 3.01 12.09 -12.77
CA LEU A 14 2.31 10.89 -12.32
C LEU A 14 3.04 10.29 -11.11
N VAL A 15 4.36 10.19 -11.21
CA VAL A 15 5.23 9.66 -10.15
C VAL A 15 5.17 10.48 -8.85
N LEU A 16 4.88 11.77 -8.97
CA LEU A 16 4.77 12.64 -7.79
C LEU A 16 3.45 12.43 -7.05
N TYR A 17 2.39 12.19 -7.81
CA TYR A 17 1.08 11.84 -7.25
C TYR A 17 1.16 10.50 -6.52
N GLU A 18 1.90 9.57 -7.13
CA GLU A 18 2.20 8.28 -6.51
C GLU A 18 2.92 8.49 -5.17
N PHE A 19 3.91 9.38 -5.17
CA PHE A 19 4.69 9.67 -3.98
C PHE A 19 3.83 10.25 -2.85
N SER A 20 3.14 11.34 -3.15
CA SER A 20 2.32 12.04 -2.18
C SER A 20 1.16 11.21 -1.60
N THR A 21 0.70 10.21 -2.33
CA THR A 21 -0.40 9.35 -1.87
C THR A 21 0.03 8.37 -0.77
N TYR A 22 1.16 7.71 -0.96
CA TYR A 22 1.66 6.72 0.00
C TYR A 22 2.05 7.36 1.33
N ILE A 23 2.78 8.46 1.28
CA ILE A 23 3.16 9.19 2.49
C ILE A 23 1.94 9.75 3.22
N GLY A 24 0.84 9.91 2.48
CA GLY A 24 -0.46 10.26 3.06
C GLY A 24 -0.89 9.25 4.11
N ASN A 25 -0.29 8.06 4.05
CA ASN A 25 -0.41 7.06 5.10
C ASN A 25 0.86 6.99 5.94
N ASP A 26 2.02 7.11 5.28
CA ASP A 26 3.30 6.79 5.89
C ASP A 26 3.94 7.91 6.73
N MET A 27 3.14 8.93 7.06
CA MET A 27 3.60 10.01 7.93
C MET A 27 2.56 10.32 8.98
N ILE A 28 1.29 10.21 8.57
CA ILE A 28 0.15 10.52 9.42
C ILE A 28 0.02 9.54 10.59
N GLN A 29 0.36 8.27 10.35
CA GLN A 29 0.16 7.22 11.36
C GLN A 29 0.91 7.48 12.69
N PRO A 30 2.22 7.80 12.64
CA PRO A 30 2.86 8.25 13.89
C PRO A 30 2.21 9.53 14.47
N GLY A 31 1.93 10.49 13.60
CA GLY A 31 1.32 11.76 14.02
C GLY A 31 -0.15 11.68 14.39
N MET A 32 -0.76 10.53 14.15
CA MET A 32 -2.16 10.29 14.51
C MET A 32 -2.37 10.31 16.02
N LEU A 33 -1.31 9.99 16.76
CA LEU A 33 -1.34 10.04 18.22
C LEU A 33 -1.68 11.45 18.69
N ALA A 34 -1.09 12.46 18.05
CA ALA A 34 -1.44 13.85 18.27
C ALA A 34 -2.87 14.16 17.81
N VAL A 35 -3.30 13.48 16.75
CA VAL A 35 -4.66 13.63 16.20
C VAL A 35 -5.67 12.92 17.11
N VAL A 36 -5.19 11.89 17.82
CA VAL A 36 -5.99 11.13 18.78
C VAL A 36 -6.10 11.85 20.13
N GLU A 37 -4.98 12.40 20.59
CA GLU A 37 -4.95 13.18 21.83
C GLU A 37 -5.34 14.65 21.56
N GLN A 38 -6.46 14.82 20.84
CA GLN A 38 -7.02 16.13 20.53
C GLN A 38 -8.50 15.99 20.18
N TYR A 39 -8.83 14.94 19.44
CA TYR A 39 -10.21 14.68 18.99
C TYR A 39 -11.05 13.92 20.00
N GLN A 40 -10.39 13.29 20.97
CA GLN A 40 -11.01 12.62 22.14
C GLN A 40 -11.90 11.41 21.82
N ALA A 41 -11.32 10.22 21.95
CA ALA A 41 -12.03 8.94 21.76
C ALA A 41 -11.24 7.74 22.29
N GLY A 42 -9.98 7.62 21.87
CA GLY A 42 -9.10 6.54 22.31
C GLY A 42 -7.96 6.21 21.35
N ILE A 43 -6.94 5.53 21.89
CA ILE A 43 -5.79 5.07 21.10
C ILE A 43 -6.13 3.95 20.11
N ASP A 44 -7.33 3.38 20.23
CA ASP A 44 -7.81 2.35 19.31
C ASP A 44 -8.10 2.91 17.91
N TRP A 45 -8.29 4.23 17.84
CA TRP A 45 -8.62 4.91 16.59
C TRP A 45 -7.38 5.37 15.82
N VAL A 46 -6.23 5.32 16.48
CA VAL A 46 -4.93 5.53 15.83
C VAL A 46 -4.85 4.71 14.51
N PRO A 47 -4.82 3.36 14.60
CA PRO A 47 -4.60 2.62 13.35
C PRO A 47 -5.79 2.75 12.41
N THR A 48 -6.97 2.89 13.01
CA THR A 48 -8.24 2.89 12.29
C THR A 48 -8.33 4.10 11.34
N SER A 49 -7.27 4.89 11.30
CA SER A 49 -7.09 5.90 10.28
C SER A 49 -6.68 5.24 8.96
N MET A 50 -5.54 4.55 9.00
CA MET A 50 -5.01 3.78 7.86
C MET A 50 -6.11 2.92 7.25
N THR A 51 -6.89 2.27 8.10
CA THR A 51 -7.97 1.38 7.69
C THR A 51 -8.99 2.00 6.76
N ALA A 52 -9.55 3.15 7.15
CA ALA A 52 -10.53 3.84 6.32
C ALA A 52 -9.89 4.47 5.10
N TYR A 53 -8.62 4.82 5.24
CA TYR A 53 -7.81 5.30 4.13
C TYR A 53 -7.62 4.19 3.07
N LEU A 54 -7.38 2.96 3.52
CA LEU A 54 -7.28 1.79 2.64
C LEU A 54 -8.62 1.49 1.98
N ALA A 55 -9.59 1.11 2.82
CA ALA A 55 -10.90 0.67 2.38
C ALA A 55 -11.50 1.55 1.28
N GLY A 56 -11.09 2.82 1.23
CA GLY A 56 -11.47 3.73 0.15
C GLY A 56 -10.95 3.27 -1.20
N GLY A 57 -9.66 2.93 -1.25
CA GLY A 57 -8.98 2.50 -2.48
C GLY A 57 -9.74 1.45 -3.27
N MET A 58 -10.16 0.39 -2.58
CA MET A 58 -10.83 -0.73 -3.23
C MET A 58 -12.27 -0.43 -3.63
N PHE A 59 -12.73 0.80 -3.40
CA PHE A 59 -14.10 1.17 -3.75
C PHE A 59 -14.24 1.28 -5.27
N LEU A 60 -13.88 2.43 -5.83
CA LEU A 60 -14.02 2.65 -7.27
C LEU A 60 -12.94 1.92 -8.07
N GLN A 61 -12.06 1.23 -7.35
CA GLN A 61 -10.99 0.43 -7.94
C GLN A 61 -11.38 -0.22 -9.26
N TRP A 62 -12.37 -1.11 -9.18
CA TRP A 62 -12.81 -1.91 -10.32
C TRP A 62 -13.50 -1.09 -11.41
N LEU A 63 -14.08 0.05 -11.02
CA LEU A 63 -14.87 0.84 -11.95
C LEU A 63 -14.02 1.84 -12.73
N LEU A 64 -13.11 2.52 -12.06
CA LEU A 64 -12.30 3.60 -12.66
C LEU A 64 -11.46 3.20 -13.87
N GLY A 65 -11.01 1.95 -13.88
CA GLY A 65 -10.18 1.41 -14.97
C GLY A 65 -10.92 1.32 -16.30
N PRO A 66 -12.03 0.55 -16.35
CA PRO A 66 -12.92 0.57 -17.51
C PRO A 66 -13.60 1.92 -17.73
N LEU A 67 -13.80 2.69 -16.66
CA LEU A 67 -14.40 4.02 -16.76
C LEU A 67 -13.47 4.99 -17.48
N SER A 68 -12.18 4.91 -17.15
CA SER A 68 -11.16 5.73 -17.81
C SER A 68 -10.98 5.33 -19.27
N ASP A 69 -11.46 4.13 -19.62
CA ASP A 69 -11.49 3.69 -21.01
C ASP A 69 -12.68 4.36 -21.73
N ARG A 70 -13.88 4.26 -21.14
CA ARG A 70 -15.12 4.79 -21.73
C ARG A 70 -15.19 6.31 -21.92
N ILE A 71 -14.57 7.06 -21.00
CA ILE A 71 -14.64 8.52 -21.03
C ILE A 71 -13.29 9.21 -20.78
N GLY A 72 -12.30 8.84 -21.59
CA GLY A 72 -10.99 9.51 -21.59
C GLY A 72 -10.11 9.21 -20.40
N ARG A 73 -8.80 9.43 -20.60
CA ARG A 73 -7.80 9.22 -19.54
C ARG A 73 -7.45 10.54 -18.84
N ARG A 74 -7.40 11.62 -19.61
CA ARG A 74 -7.08 12.96 -19.07
C ARG A 74 -8.07 13.45 -18.00
N PRO A 75 -9.39 13.44 -18.31
CA PRO A 75 -10.36 13.98 -17.36
C PRO A 75 -10.54 13.12 -16.11
N VAL A 76 -10.45 11.80 -16.27
CA VAL A 76 -10.58 10.87 -15.16
C VAL A 76 -9.41 11.04 -14.19
N MET A 77 -8.20 11.20 -14.74
CA MET A 77 -7.00 11.39 -13.92
C MET A 77 -7.00 12.75 -13.22
N LEU A 78 -7.46 13.79 -13.91
CA LEU A 78 -7.55 15.13 -13.34
C LEU A 78 -8.55 15.21 -12.18
N ALA A 79 -9.74 14.65 -12.39
CA ALA A 79 -10.80 14.61 -11.38
C ALA A 79 -10.31 13.95 -10.07
N GLY A 80 -9.37 13.01 -10.20
CA GLY A 80 -8.79 12.33 -9.06
C GLY A 80 -7.82 13.18 -8.27
N VAL A 81 -6.88 13.81 -8.97
CA VAL A 81 -5.88 14.70 -8.35
C VAL A 81 -6.56 15.90 -7.69
N VAL A 82 -7.55 16.46 -8.38
CA VAL A 82 -8.38 17.52 -7.82
C VAL A 82 -9.04 17.01 -6.53
N TRP A 83 -9.78 15.91 -6.65
CA TRP A 83 -10.46 15.28 -5.53
C TRP A 83 -9.54 15.08 -4.32
N PHE A 84 -8.29 14.76 -4.59
CA PHE A 84 -7.28 14.60 -3.55
C PHE A 84 -6.95 15.92 -2.86
N ILE A 85 -6.55 16.92 -3.66
CA ILE A 85 -6.21 18.24 -3.14
C ILE A 85 -7.38 18.84 -2.38
N VAL A 86 -8.58 18.67 -2.92
CA VAL A 86 -9.84 19.06 -2.26
C VAL A 86 -9.89 18.49 -0.84
N THR A 87 -9.82 17.17 -0.75
CA THR A 87 -10.00 16.46 0.51
C THR A 87 -8.80 16.55 1.46
N CYS A 88 -7.66 16.98 0.92
CA CYS A 88 -6.42 17.12 1.69
C CYS A 88 -6.51 18.25 2.71
N LEU A 89 -7.45 19.16 2.49
CA LEU A 89 -7.55 20.39 3.27
C LEU A 89 -8.91 20.53 3.95
N ALA A 90 -9.97 20.09 3.25
CA ALA A 90 -11.32 20.08 3.80
C ALA A 90 -11.44 19.17 5.02
N ILE A 91 -10.37 18.41 5.28
CA ILE A 91 -10.26 17.56 6.46
C ILE A 91 -9.92 18.37 7.72
N LEU A 92 -9.31 19.54 7.53
CA LEU A 92 -8.93 20.44 8.61
C LEU A 92 -10.11 21.29 9.12
N LEU A 93 -11.32 20.95 8.64
CA LEU A 93 -12.56 21.65 9.01
C LEU A 93 -13.62 20.70 9.58
N ALA A 94 -13.28 19.43 9.74
CA ALA A 94 -14.18 18.43 10.32
C ALA A 94 -14.21 18.52 11.84
N GLN A 95 -13.02 18.47 12.44
CA GLN A 95 -12.79 18.68 13.89
C GLN A 95 -13.51 17.71 14.83
N ASN A 96 -13.88 16.53 14.33
CA ASN A 96 -14.33 15.41 15.17
C ASN A 96 -13.98 14.07 14.56
N ILE A 97 -13.81 13.06 15.42
CA ILE A 97 -13.23 11.78 14.98
C ILE A 97 -14.23 10.84 14.29
N GLU A 98 -15.51 10.90 14.66
CA GLU A 98 -16.56 10.10 14.01
C GLU A 98 -16.70 10.47 12.54
N GLN A 99 -16.23 11.67 12.20
CA GLN A 99 -16.22 12.15 10.82
C GLN A 99 -14.81 12.55 10.36
N PHE A 100 -13.80 12.12 11.13
CA PHE A 100 -12.41 12.16 10.67
C PHE A 100 -12.22 11.04 9.65
N THR A 101 -12.81 9.88 9.97
CA THR A 101 -12.93 8.74 9.07
C THR A 101 -13.43 9.17 7.70
N LEU A 102 -14.60 9.80 7.68
CA LEU A 102 -15.27 10.20 6.45
C LEU A 102 -14.28 10.73 5.42
N LEU A 103 -13.54 11.77 5.78
CA LEU A 103 -12.62 12.44 4.86
C LEU A 103 -11.33 11.64 4.63
N ARG A 104 -10.90 10.91 5.66
CA ARG A 104 -9.81 9.95 5.54
C ARG A 104 -10.16 8.87 4.50
N PHE A 105 -11.43 8.47 4.48
CA PHE A 105 -11.94 7.49 3.53
C PHE A 105 -12.05 8.08 2.13
N LEU A 106 -12.34 9.38 2.04
CA LEU A 106 -12.48 10.07 0.76
C LEU A 106 -11.13 10.22 0.06
N GLN A 107 -10.10 10.51 0.85
CA GLN A 107 -8.73 10.50 0.39
C GLN A 107 -8.31 9.06 0.05
N GLY A 108 -9.04 8.09 0.61
CA GLY A 108 -8.81 6.68 0.36
C GLY A 108 -9.22 6.22 -1.04
N ILE A 109 -10.36 6.71 -1.51
CA ILE A 109 -10.83 6.40 -2.86
C ILE A 109 -9.92 7.04 -3.92
N SER A 110 -9.08 7.99 -3.49
CA SER A 110 -8.13 8.67 -4.36
C SER A 110 -6.84 7.85 -4.58
N LEU A 111 -6.97 6.52 -4.48
CA LEU A 111 -5.83 5.62 -4.66
C LEU A 111 -5.92 4.79 -5.93
N CYS A 112 -7.13 4.37 -6.28
CA CYS A 112 -7.35 3.63 -7.53
C CYS A 112 -6.86 4.42 -8.74
N PHE A 113 -7.11 5.73 -8.73
CA PHE A 113 -6.70 6.63 -9.82
C PHE A 113 -5.27 6.42 -10.31
N ILE A 114 -4.34 6.20 -9.38
CA ILE A 114 -2.93 6.03 -9.72
C ILE A 114 -2.70 4.82 -10.62
N GLY A 115 -3.42 3.73 -10.34
CA GLY A 115 -3.30 2.51 -11.11
C GLY A 115 -4.34 2.40 -12.22
N ALA A 116 -5.61 2.56 -11.86
CA ALA A 116 -6.75 2.37 -12.76
C ALA A 116 -6.72 3.23 -14.01
N VAL A 117 -6.36 4.50 -13.84
CA VAL A 117 -6.22 5.41 -14.98
C VAL A 117 -4.75 5.79 -15.24
N GLY A 118 -4.04 6.20 -14.19
CA GLY A 118 -2.66 6.68 -14.30
C GLY A 118 -1.66 5.73 -14.93
N TYR A 119 -1.55 4.53 -14.34
CA TYR A 119 -0.61 3.50 -14.80
C TYR A 119 -0.87 3.07 -16.25
N ALA A 120 -2.15 3.08 -16.65
CA ALA A 120 -2.56 2.69 -18.00
C ALA A 120 -2.03 3.62 -19.10
N ALA A 121 -2.05 4.93 -18.83
CA ALA A 121 -1.57 5.95 -19.77
C ALA A 121 -0.06 5.84 -20.06
N ILE A 122 0.60 4.88 -19.41
CA ILE A 122 2.00 4.56 -19.67
C ILE A 122 2.09 3.28 -20.50
N GLN A 123 1.15 2.34 -20.25
CA GLN A 123 1.03 1.12 -21.06
C GLN A 123 0.21 1.37 -22.33
N GLU A 124 -0.06 2.65 -22.61
CA GLU A 124 -0.79 3.08 -23.81
C GLU A 124 0.03 4.02 -24.70
N SER A 125 0.73 4.97 -24.07
CA SER A 125 1.55 5.94 -24.81
C SER A 125 2.98 5.46 -25.04
N PHE A 126 3.77 5.42 -23.96
CA PHE A 126 5.20 5.10 -24.03
C PHE A 126 5.47 3.63 -24.36
N GLU A 127 6.58 3.37 -25.05
CA GLU A 127 6.93 2.02 -25.51
C GLU A 127 7.50 1.13 -24.41
N GLU A 128 7.86 -0.11 -24.78
CA GLU A 128 8.30 -1.16 -23.84
C GLU A 128 9.44 -0.73 -22.91
N ALA A 129 10.67 -0.60 -23.45
CA ALA A 129 11.85 -0.23 -22.66
C ALA A 129 11.75 1.16 -22.02
N VAL A 130 10.95 2.03 -22.64
CA VAL A 130 10.65 3.35 -22.08
C VAL A 130 9.87 3.19 -20.78
N CYS A 131 8.80 2.39 -20.83
CA CYS A 131 7.96 2.10 -19.69
C CYS A 131 8.73 1.39 -18.57
N ILE A 132 9.67 0.52 -18.93
CA ILE A 132 10.42 -0.29 -17.96
C ILE A 132 11.20 0.56 -16.95
N LYS A 133 11.85 1.61 -17.43
CA LYS A 133 12.54 2.57 -16.56
C LYS A 133 11.54 3.32 -15.67
N ILE A 134 10.40 3.67 -16.26
CA ILE A 134 9.33 4.41 -15.56
C ILE A 134 8.79 3.61 -14.38
N THR A 135 8.53 2.33 -14.60
CA THR A 135 7.89 1.46 -13.62
C THR A 135 8.82 1.05 -12.47
N ALA A 136 10.07 0.75 -12.80
CA ALA A 136 11.09 0.42 -11.80
C ALA A 136 11.33 1.60 -10.86
N LEU A 137 11.03 2.80 -11.34
CA LEU A 137 11.03 4.01 -10.52
C LEU A 137 9.78 4.05 -9.65
N MET A 138 8.62 3.81 -10.27
CA MET A 138 7.35 3.71 -9.56
C MET A 138 7.41 2.63 -8.49
N ALA A 139 8.20 1.59 -8.76
CA ALA A 139 8.47 0.55 -7.78
C ALA A 139 9.14 1.17 -6.55
N ASN A 140 10.24 1.88 -6.77
CA ASN A 140 11.01 2.52 -5.68
C ASN A 140 10.19 3.50 -4.83
N VAL A 141 9.33 4.29 -5.48
CA VAL A 141 8.44 5.23 -4.80
C VAL A 141 7.67 4.54 -3.68
N ALA A 142 6.92 3.51 -4.07
CA ALA A 142 6.08 2.74 -3.14
C ALA A 142 6.87 2.01 -2.04
N LEU A 143 8.19 2.07 -2.12
CA LEU A 143 9.07 1.50 -1.09
C LEU A 143 9.79 2.58 -0.28
N ILE A 144 10.12 3.70 -0.93
CA ILE A 144 10.78 4.82 -0.25
C ILE A 144 9.78 5.67 0.57
N ALA A 145 8.60 5.92 0.01
CA ALA A 145 7.55 6.66 0.72
C ALA A 145 7.22 6.07 2.10
N PRO A 146 7.05 4.73 2.21
CA PRO A 146 6.89 4.14 3.54
C PRO A 146 8.19 4.04 4.34
N LEU A 147 9.33 4.09 3.67
CA LEU A 147 10.63 4.00 4.34
C LEU A 147 11.04 5.31 5.02
N LEU A 148 10.81 6.42 4.31
CA LEU A 148 11.37 7.72 4.70
C LEU A 148 10.28 8.73 5.07
N GLY A 149 9.02 8.35 4.85
CA GLY A 149 7.88 9.12 5.32
C GLY A 149 7.78 9.18 6.84
N PRO A 150 7.94 8.03 7.52
CA PRO A 150 7.85 7.99 8.99
C PRO A 150 8.95 8.77 9.72
N LEU A 151 10.10 8.96 9.07
CA LEU A 151 11.19 9.74 9.67
C LEU A 151 10.89 11.25 9.64
N VAL A 152 10.36 11.71 8.52
CA VAL A 152 9.91 13.10 8.39
C VAL A 152 8.62 13.29 9.19
N GLY A 153 7.85 12.21 9.32
CA GLY A 153 6.64 12.21 10.14
C GLY A 153 6.92 12.27 11.64
N ALA A 154 8.17 11.99 12.03
CA ALA A 154 8.58 12.01 13.43
C ALA A 154 9.25 13.33 13.83
N ALA A 155 9.89 13.97 12.86
CA ALA A 155 10.44 15.30 13.06
C ALA A 155 9.33 16.34 12.95
N TRP A 156 8.42 16.13 12.01
CA TRP A 156 7.31 17.05 11.72
C TRP A 156 6.35 17.21 12.90
N ILE A 157 6.27 16.20 13.77
CA ILE A 157 5.44 16.29 14.97
C ILE A 157 6.15 17.01 16.11
N HIS A 158 7.49 17.02 16.03
CA HIS A 158 8.33 17.69 17.00
C HIS A 158 8.53 19.17 16.65
N VAL A 159 8.70 19.47 15.37
CA VAL A 159 8.95 20.84 14.90
C VAL A 159 7.67 21.58 14.46
N LEU A 160 6.59 20.84 14.22
CA LEU A 160 5.33 21.40 13.72
C LEU A 160 4.10 20.67 14.28
N PRO A 161 2.88 21.17 13.98
CA PRO A 161 1.69 20.39 14.31
C PRO A 161 1.40 19.32 13.25
N TRP A 162 0.30 18.60 13.43
CA TRP A 162 -0.13 17.59 12.45
C TRP A 162 -0.78 18.21 11.21
N GLU A 163 -1.37 19.39 11.39
CA GLU A 163 -2.08 20.09 10.31
C GLU A 163 -1.16 20.49 9.14
N GLY A 164 0.14 20.60 9.43
CA GLY A 164 1.14 21.01 8.44
C GLY A 164 1.33 20.05 7.29
N MET A 165 1.11 18.76 7.56
CA MET A 165 1.24 17.71 6.55
C MET A 165 0.13 17.79 5.49
N PHE A 166 -1.13 17.89 5.93
CA PHE A 166 -2.31 17.92 5.04
C PHE A 166 -2.29 18.98 3.95
N VAL A 167 -1.59 20.07 4.21
CA VAL A 167 -1.42 21.15 3.25
C VAL A 167 -0.25 20.81 2.33
N LEU A 168 0.86 20.41 2.94
CA LEU A 168 2.09 20.02 2.24
C LEU A 168 1.84 19.05 1.07
N PHE A 169 0.83 18.20 1.22
CA PHE A 169 0.49 17.20 0.20
C PHE A 169 -0.41 17.80 -0.87
N ALA A 170 -1.49 18.46 -0.46
CA ALA A 170 -2.36 19.17 -1.40
C ALA A 170 -1.53 20.10 -2.27
N ALA A 171 -0.41 20.56 -1.70
CA ALA A 171 0.63 21.30 -2.42
C ALA A 171 1.39 20.39 -3.38
N LEU A 172 1.98 19.31 -2.86
CA LEU A 172 2.72 18.32 -3.66
C LEU A 172 1.90 17.60 -4.73
N ALA A 173 0.58 17.60 -4.58
CA ALA A 173 -0.32 17.02 -5.58
C ALA A 173 -0.68 18.06 -6.63
N ALA A 174 -0.70 19.31 -6.22
CA ALA A 174 -0.88 20.44 -7.14
C ALA A 174 0.43 20.79 -7.85
N ILE A 175 1.57 20.49 -7.22
CA ILE A 175 2.90 20.64 -7.83
C ILE A 175 2.94 19.88 -9.16
N SER A 176 2.48 18.64 -9.13
CA SER A 176 2.33 17.85 -10.35
C SER A 176 1.02 18.12 -11.10
N PHE A 177 0.00 18.60 -10.38
CA PHE A 177 -1.31 18.93 -10.98
C PHE A 177 -1.26 20.10 -11.95
N PHE A 178 -0.56 21.17 -11.57
CA PHE A 178 -0.36 22.31 -12.49
C PHE A 178 0.70 21.94 -13.53
N GLY A 179 1.44 20.87 -13.26
CA GLY A 179 2.31 20.26 -14.25
C GLY A 179 1.55 19.31 -15.16
N LEU A 180 0.32 18.96 -14.76
CA LEU A 180 -0.55 18.10 -15.55
C LEU A 180 -1.70 18.88 -16.21
N GLN A 181 -1.86 20.14 -15.81
CA GLN A 181 -2.94 21.00 -16.30
C GLN A 181 -2.92 21.15 -17.84
N ARG A 182 -1.72 21.34 -18.39
CA ARG A 182 -1.54 21.51 -19.84
C ARG A 182 -0.55 20.50 -20.45
N ALA A 183 -0.22 19.46 -19.70
CA ALA A 183 0.73 18.42 -20.15
C ALA A 183 0.25 16.99 -19.86
N MET A 184 -1.00 16.71 -20.22
CA MET A 184 -1.57 15.38 -20.08
C MET A 184 -2.32 14.97 -21.36
N PRO A 185 -1.60 14.33 -22.30
CA PRO A 185 -2.22 13.86 -23.55
C PRO A 185 -2.86 12.49 -23.39
N GLU A 186 -4.19 12.47 -23.32
CA GLU A 186 -4.95 11.25 -23.05
C GLU A 186 -4.87 10.19 -24.16
N THR A 187 -5.03 8.93 -23.78
CA THR A 187 -5.02 7.80 -24.71
C THR A 187 -6.12 6.78 -24.40
N ALA A 188 -7.38 7.21 -24.50
CA ALA A 188 -8.53 6.31 -24.33
C ALA A 188 -9.31 6.15 -25.63
N THR A 189 -9.32 4.93 -26.16
CA THR A 189 -10.01 4.62 -27.44
C THR A 189 -11.34 3.91 -27.24
N ARG A 190 -12.11 4.34 -26.24
CA ARG A 190 -13.42 3.78 -25.97
C ARG A 190 -14.47 4.85 -25.67
N ILE A 191 -14.21 6.07 -26.13
CA ILE A 191 -15.19 7.15 -26.01
C ILE A 191 -16.25 6.95 -27.10
N GLY A 192 -17.51 7.14 -26.71
CA GLY A 192 -18.63 6.80 -27.57
C GLY A 192 -18.92 5.33 -27.45
N GLU A 193 -18.96 4.83 -26.21
CA GLU A 193 -19.32 3.46 -25.91
C GLU A 193 -20.34 3.40 -24.77
N LYS A 194 -21.22 2.40 -24.81
CA LYS A 194 -22.35 2.28 -23.87
C LYS A 194 -21.94 2.29 -22.40
N LEU A 195 -22.86 2.77 -21.54
CA LEU A 195 -22.63 2.78 -20.10
C LEU A 195 -22.89 1.38 -19.53
N SER A 196 -22.17 0.40 -20.08
CA SER A 196 -22.33 -1.00 -19.71
C SER A 196 -21.61 -1.28 -18.40
N LEU A 197 -22.40 -1.32 -17.34
CA LEU A 197 -21.88 -1.48 -15.98
C LEU A 197 -22.57 -2.65 -15.30
N LYS A 198 -23.82 -2.89 -15.69
CA LYS A 198 -24.62 -4.01 -15.15
C LYS A 198 -24.10 -5.37 -15.61
N GLU A 199 -23.26 -5.36 -16.65
CA GLU A 199 -22.58 -6.58 -17.12
C GLU A 199 -21.07 -6.32 -17.27
N LEU A 200 -20.50 -5.60 -16.29
CA LEU A 200 -19.06 -5.36 -16.21
C LEU A 200 -18.39 -6.38 -15.27
N GLY A 201 -19.11 -6.79 -14.23
CA GLY A 201 -18.63 -7.79 -13.27
C GLY A 201 -18.60 -9.20 -13.83
N ARG A 202 -19.04 -9.34 -15.07
CA ARG A 202 -18.96 -10.60 -15.83
C ARG A 202 -17.51 -10.87 -16.24
N ASP A 203 -16.83 -9.82 -16.73
CA ASP A 203 -15.39 -9.89 -17.02
C ASP A 203 -14.57 -10.03 -15.71
N TYR A 204 -15.21 -9.73 -14.57
CA TYR A 204 -14.60 -9.89 -13.23
C TYR A 204 -14.81 -11.28 -12.63
N LYS A 205 -16.00 -11.83 -12.82
CA LYS A 205 -16.35 -13.16 -12.31
C LYS A 205 -15.47 -14.28 -12.88
N LEU A 206 -14.84 -14.04 -14.03
CA LEU A 206 -13.96 -15.03 -14.67
C LEU A 206 -12.66 -15.27 -13.90
N VAL A 207 -12.08 -14.19 -13.37
CA VAL A 207 -10.87 -14.28 -12.54
C VAL A 207 -11.24 -14.60 -11.09
N LEU A 208 -12.46 -14.22 -10.70
CA LEU A 208 -12.99 -14.45 -9.37
C LEU A 208 -13.32 -15.93 -9.09
N LYS A 209 -13.31 -16.75 -10.15
CA LYS A 209 -13.58 -18.18 -10.03
C LYS A 209 -12.32 -19.04 -10.20
N ASN A 210 -11.21 -18.39 -10.57
CA ASN A 210 -9.94 -19.07 -10.81
C ASN A 210 -9.31 -19.65 -9.54
N GLY A 211 -9.56 -20.93 -9.30
CA GLY A 211 -9.05 -21.65 -8.12
C GLY A 211 -7.57 -21.46 -7.85
N ARG A 212 -6.83 -21.06 -8.88
CA ARG A 212 -5.40 -20.80 -8.76
C ARG A 212 -5.10 -19.34 -8.43
N PHE A 213 -5.82 -18.43 -9.07
CA PHE A 213 -5.58 -17.00 -8.91
C PHE A 213 -5.94 -16.53 -7.50
N VAL A 214 -7.21 -16.74 -7.14
CA VAL A 214 -7.75 -16.37 -5.83
C VAL A 214 -6.78 -16.75 -4.72
N ALA A 215 -6.42 -18.04 -4.68
CA ALA A 215 -5.44 -18.52 -3.71
C ALA A 215 -4.16 -17.70 -3.75
N GLY A 216 -3.63 -17.47 -4.94
CA GLY A 216 -2.42 -16.67 -5.13
C GLY A 216 -2.55 -15.21 -4.77
N ALA A 217 -3.77 -14.68 -4.86
CA ALA A 217 -4.04 -13.31 -4.40
C ALA A 217 -4.06 -13.23 -2.87
N LEU A 218 -4.71 -14.21 -2.24
CA LEU A 218 -4.74 -14.32 -0.78
C LEU A 218 -3.37 -14.72 -0.27
N ALA A 219 -2.64 -15.55 -0.99
CA ALA A 219 -1.27 -15.84 -0.59
C ALA A 219 -0.53 -14.51 -0.42
N LEU A 220 -0.83 -13.56 -1.32
CA LEU A 220 -0.24 -12.23 -1.38
C LEU A 220 -0.81 -11.27 -0.35
N GLY A 221 -2.16 -11.21 -0.31
CA GLY A 221 -2.88 -10.40 0.67
C GLY A 221 -2.36 -10.65 2.09
N PHE A 222 -2.53 -11.88 2.58
CA PHE A 222 -2.04 -12.26 3.90
C PHE A 222 -0.54 -12.03 4.01
N VAL A 223 0.25 -12.66 3.15
CA VAL A 223 1.68 -12.69 3.42
C VAL A 223 2.20 -11.34 3.90
N SER A 224 1.67 -10.25 3.33
CA SER A 224 2.19 -8.92 3.61
C SER A 224 1.49 -8.19 4.76
N LEU A 225 0.29 -8.61 5.09
CA LEU A 225 -0.50 -7.99 6.16
C LEU A 225 0.31 -7.60 7.42
N PRO A 226 0.96 -8.59 8.10
CA PRO A 226 1.79 -8.29 9.25
C PRO A 226 2.63 -7.02 9.12
N LEU A 227 3.17 -6.77 7.93
CA LEU A 227 3.92 -5.54 7.67
C LEU A 227 3.08 -4.29 7.92
N LEU A 228 1.90 -4.27 7.32
CA LEU A 228 1.02 -3.12 7.38
C LEU A 228 0.26 -3.01 8.71
N ALA A 229 0.15 -4.14 9.40
CA ALA A 229 -0.33 -4.17 10.78
C ALA A 229 0.60 -3.30 11.62
N TRP A 230 1.89 -3.58 11.54
CA TRP A 230 2.91 -2.76 12.20
C TRP A 230 2.82 -1.32 11.76
N THR A 231 2.83 -1.07 10.45
CA THR A 231 2.68 0.28 9.88
C THR A 231 1.45 1.00 10.45
N ALA A 232 0.39 0.24 10.68
CA ALA A 232 -0.84 0.78 11.24
C ALA A 232 -0.75 1.05 12.76
N GLN A 233 -0.05 0.18 13.49
CA GLN A 233 -0.11 0.18 14.95
C GLN A 233 1.19 0.56 15.68
N SER A 234 2.31 0.63 14.96
CA SER A 234 3.62 0.98 15.57
C SER A 234 3.66 2.30 16.36
N PRO A 235 2.93 3.34 15.87
CA PRO A 235 2.71 4.52 16.71
C PRO A 235 2.31 4.11 18.14
N ILE A 236 1.14 3.49 18.28
CA ILE A 236 0.69 3.00 19.59
C ILE A 236 1.57 1.91 20.19
N ILE A 237 1.90 0.88 19.41
CA ILE A 237 2.76 -0.19 19.94
C ILE A 237 3.91 0.42 20.74
N ILE A 238 4.49 1.50 20.22
CA ILE A 238 5.78 1.95 20.69
C ILE A 238 5.73 3.22 21.54
N ILE A 239 5.21 4.30 20.96
CA ILE A 239 5.16 5.58 21.67
C ILE A 239 4.34 5.46 22.95
N THR A 240 3.10 4.97 22.83
CA THR A 240 2.29 4.69 24.01
C THR A 240 2.64 3.31 24.60
N GLY A 241 2.24 2.24 23.91
CA GLY A 241 2.35 0.86 24.40
C GLY A 241 3.66 0.49 25.10
N GLU A 242 4.77 0.71 24.43
CA GLU A 242 6.07 0.37 25.01
C GLU A 242 6.66 1.53 25.79
N GLN A 243 6.06 2.71 25.63
CA GLN A 243 6.48 3.94 26.32
C GLN A 243 7.80 4.49 25.77
N LEU A 244 7.75 5.04 24.56
CA LEU A 244 8.96 5.54 23.89
C LEU A 244 8.82 6.89 23.19
N SER A 245 9.95 7.44 22.77
CA SER A 245 10.02 8.77 22.12
C SER A 245 10.18 8.68 20.59
N SER A 246 9.91 9.79 19.91
CA SER A 246 9.89 9.85 18.44
C SER A 246 11.21 9.53 17.72
N TYR A 247 12.31 9.47 18.48
CA TYR A 247 13.62 9.07 17.94
C TYR A 247 13.84 7.57 18.12
N GLU A 248 13.57 7.09 19.34
CA GLU A 248 13.70 5.69 19.70
C GLU A 248 12.61 4.84 19.03
N TYR A 249 11.52 5.50 18.64
CA TYR A 249 10.41 4.89 17.89
C TYR A 249 10.72 4.85 16.39
N GLY A 250 11.06 6.01 15.83
CA GLY A 250 11.40 6.15 14.40
C GLY A 250 12.68 5.43 14.04
N LEU A 251 13.46 5.09 15.07
CA LEU A 251 14.62 4.21 14.96
C LEU A 251 14.18 2.84 14.46
N LEU A 252 13.10 2.31 15.03
CA LEU A 252 12.66 0.94 14.80
C LEU A 252 12.01 0.69 13.44
N GLN A 253 11.60 1.77 12.77
CA GLN A 253 10.98 1.67 11.46
C GLN A 253 11.99 1.23 10.41
N VAL A 254 13.18 1.80 10.48
CA VAL A 254 14.19 1.59 9.47
C VAL A 254 14.75 0.16 9.42
N PRO A 255 15.17 -0.42 10.57
CA PRO A 255 15.74 -1.78 10.52
C PRO A 255 14.79 -2.77 9.83
N ILE A 256 13.51 -2.63 10.14
CA ILE A 256 12.47 -3.33 9.41
C ILE A 256 12.62 -2.97 7.94
N PHE A 257 12.40 -1.70 7.62
CA PHE A 257 12.38 -1.22 6.23
C PHE A 257 13.67 -1.46 5.45
N GLY A 258 14.82 -1.11 6.05
CA GLY A 258 16.13 -1.33 5.43
C GLY A 258 16.36 -2.78 5.01
N ALA A 259 15.83 -3.71 5.81
CA ALA A 259 15.87 -5.13 5.49
C ALA A 259 14.87 -5.47 4.38
N LEU A 260 13.68 -4.86 4.45
CA LEU A 260 12.68 -5.01 3.39
C LEU A 260 13.35 -4.82 2.03
N ILE A 261 13.98 -3.65 1.85
CA ILE A 261 14.68 -3.25 0.61
C ILE A 261 15.89 -4.12 0.29
N ALA A 262 16.61 -4.55 1.32
CA ALA A 262 17.67 -5.56 1.19
C ALA A 262 17.12 -6.82 0.53
N GLY A 263 15.81 -7.05 0.69
CA GLY A 263 15.09 -8.09 -0.04
C GLY A 263 14.78 -7.76 -1.50
N ASN A 264 14.84 -6.47 -1.85
CA ASN A 264 14.65 -6.02 -3.24
C ASN A 264 15.95 -5.91 -4.04
N LEU A 265 17.01 -5.45 -3.38
CA LEU A 265 18.34 -5.34 -3.99
C LEU A 265 18.84 -6.72 -4.42
N LEU A 266 18.64 -7.71 -3.55
CA LEU A 266 19.04 -9.08 -3.83
C LEU A 266 18.09 -9.77 -4.81
N LEU A 267 16.80 -9.40 -4.75
CA LEU A 267 15.80 -9.89 -5.70
C LEU A 267 16.17 -9.50 -7.12
N ALA A 268 16.54 -8.23 -7.30
CA ALA A 268 16.97 -7.69 -8.59
C ALA A 268 18.26 -8.33 -9.07
N ARG A 269 19.09 -8.77 -8.12
CA ARG A 269 20.39 -9.37 -8.44
C ARG A 269 20.34 -10.90 -8.57
N LEU A 270 19.24 -11.51 -8.15
CA LEU A 270 19.06 -12.96 -8.27
C LEU A 270 17.84 -13.38 -9.08
N THR A 271 17.18 -12.41 -9.69
CA THR A 271 16.14 -12.72 -10.67
C THR A 271 16.81 -13.34 -11.91
N SER A 272 18.09 -13.03 -12.07
CA SER A 272 18.92 -13.57 -13.14
C SER A 272 19.31 -15.01 -12.85
N ARG A 273 20.02 -15.21 -11.73
CA ARG A 273 20.55 -16.51 -11.35
C ARG A 273 19.47 -17.57 -11.13
N ARG A 274 18.35 -17.18 -10.54
CA ARG A 274 17.30 -18.13 -10.13
C ARG A 274 15.94 -17.86 -10.77
N THR A 275 15.16 -18.93 -10.89
CA THR A 275 13.80 -18.86 -11.44
C THR A 275 12.86 -18.21 -10.44
N VAL A 276 11.66 -17.85 -10.90
CA VAL A 276 10.68 -17.19 -10.05
C VAL A 276 10.20 -18.12 -8.92
N ARG A 277 9.74 -19.31 -9.30
CA ARG A 277 9.26 -20.32 -8.33
C ARG A 277 10.23 -20.48 -7.16
N SER A 278 11.52 -20.63 -7.48
CA SER A 278 12.56 -20.77 -6.48
C SER A 278 12.62 -19.59 -5.52
N LEU A 279 12.50 -18.38 -6.06
CA LEU A 279 12.66 -17.14 -5.29
C LEU A 279 11.64 -16.97 -4.16
N ILE A 280 10.42 -17.45 -4.39
CA ILE A 280 9.34 -17.36 -3.40
C ILE A 280 9.60 -18.32 -2.25
N ILE A 281 10.06 -19.53 -2.56
CA ILE A 281 10.45 -20.50 -1.54
C ILE A 281 11.78 -20.06 -0.94
N MET A 282 12.53 -19.27 -1.70
CA MET A 282 13.81 -18.73 -1.26
C MET A 282 13.58 -17.57 -0.28
N GLY A 283 12.46 -16.88 -0.46
CA GLY A 283 12.05 -15.82 0.47
C GLY A 283 11.08 -16.30 1.53
N GLY A 284 10.61 -17.53 1.37
CA GLY A 284 9.65 -18.13 2.29
C GLY A 284 10.26 -18.78 3.52
N TRP A 285 11.55 -18.58 3.71
CA TRP A 285 12.22 -19.03 4.92
C TRP A 285 12.47 -17.90 5.93
N PRO A 286 13.06 -16.76 5.48
CA PRO A 286 13.28 -15.65 6.43
C PRO A 286 11.96 -15.20 7.08
N ILE A 287 10.96 -14.94 6.25
CA ILE A 287 9.62 -14.64 6.73
C ILE A 287 9.21 -15.65 7.82
N MET A 288 9.05 -16.91 7.42
CA MET A 288 8.68 -18.05 8.30
C MET A 288 9.45 -18.08 9.62
N ILE A 289 10.68 -17.59 9.60
CA ILE A 289 11.46 -17.42 10.84
C ILE A 289 11.15 -16.06 11.48
N GLY A 290 10.79 -15.07 10.66
CA GLY A 290 10.45 -13.76 11.18
C GLY A 290 9.24 -13.91 12.10
N LEU A 291 8.15 -14.48 11.57
CA LEU A 291 6.87 -14.56 12.30
C LEU A 291 6.81 -15.75 13.25
N LEU A 292 7.79 -16.63 13.08
CA LEU A 292 8.18 -17.54 14.12
C LEU A 292 8.72 -16.64 15.23
N VAL A 293 9.86 -15.98 14.95
CA VAL A 293 10.64 -15.20 15.94
C VAL A 293 9.86 -14.10 16.66
N ALA A 294 9.18 -13.25 15.88
CA ALA A 294 8.40 -12.17 16.46
C ALA A 294 7.56 -12.71 17.62
N ALA A 295 6.81 -13.78 17.37
CA ALA A 295 5.92 -14.36 18.40
C ALA A 295 6.63 -15.29 19.41
N ALA A 296 7.43 -16.25 18.93
CA ALA A 296 8.26 -17.10 19.80
C ALA A 296 8.93 -16.26 20.88
N ALA A 297 9.17 -14.99 20.54
CA ALA A 297 9.76 -14.01 21.47
C ALA A 297 8.76 -13.52 22.51
N THR A 298 7.66 -12.92 22.06
CA THR A 298 6.68 -12.39 23.00
C THR A 298 5.82 -13.46 23.69
N VAL A 299 6.41 -14.64 23.91
CA VAL A 299 5.76 -15.74 24.64
C VAL A 299 5.72 -15.39 26.13
N ILE A 300 6.76 -15.75 26.87
CA ILE A 300 6.81 -15.47 28.31
C ILE A 300 7.14 -13.99 28.52
N SER A 301 8.11 -13.48 27.75
CA SER A 301 8.45 -12.06 27.77
C SER A 301 7.45 -11.29 26.90
N SER A 302 6.70 -10.39 27.52
CA SER A 302 5.64 -9.66 26.82
C SER A 302 6.05 -8.29 26.28
N HIS A 303 7.21 -7.79 26.71
CA HIS A 303 7.59 -6.41 26.38
C HIS A 303 8.88 -6.23 25.60
N ALA A 304 9.53 -7.34 25.24
CA ALA A 304 10.80 -7.31 24.51
C ALA A 304 10.63 -6.84 23.07
N TYR A 305 10.36 -5.55 22.93
CA TYR A 305 10.02 -4.92 21.66
C TYR A 305 11.18 -4.93 20.65
N LEU A 306 12.39 -4.96 21.17
CA LEU A 306 13.59 -5.10 20.33
C LEU A 306 13.52 -6.36 19.45
N TRP A 307 13.32 -7.52 20.08
CA TRP A 307 13.33 -8.82 19.39
C TRP A 307 12.08 -9.10 18.58
N MET A 308 11.01 -8.37 18.88
CA MET A 308 9.81 -8.41 18.07
C MET A 308 10.07 -7.64 16.78
N THR A 309 10.57 -6.42 16.93
CA THR A 309 10.98 -5.60 15.78
C THR A 309 12.12 -6.28 15.00
N ALA A 310 12.99 -6.97 15.73
CA ALA A 310 14.04 -7.81 15.14
C ALA A 310 13.46 -9.03 14.39
N GLY A 311 12.31 -9.53 14.87
CA GLY A 311 11.58 -10.58 14.16
C GLY A 311 11.07 -10.06 12.84
N LEU A 312 10.43 -8.88 12.91
CA LEU A 312 9.89 -8.11 11.77
C LEU A 312 11.00 -7.48 10.92
N SER A 313 11.91 -8.31 10.44
CA SER A 313 13.08 -7.83 9.74
C SER A 313 13.60 -9.02 8.94
N ILE A 314 13.88 -10.10 9.66
CA ILE A 314 13.83 -11.48 9.13
C ILE A 314 12.51 -11.52 8.38
N TYR A 315 11.46 -11.06 9.06
CA TYR A 315 10.15 -11.04 8.47
C TYR A 315 10.29 -10.24 7.22
N ALA A 316 10.75 -8.98 7.43
CA ALA A 316 10.87 -7.87 6.44
C ALA A 316 11.65 -8.20 5.17
N PHE A 317 12.88 -8.63 5.37
CA PHE A 317 13.75 -9.06 4.29
C PHE A 317 13.04 -9.96 3.27
N GLY A 318 12.58 -11.13 3.72
CA GLY A 318 11.96 -12.13 2.86
C GLY A 318 10.79 -11.63 2.02
N ILE A 319 10.07 -10.63 2.56
CA ILE A 319 8.94 -10.01 1.85
C ILE A 319 9.42 -9.27 0.60
N GLY A 320 10.54 -8.57 0.73
CA GLY A 320 11.21 -8.00 -0.44
C GLY A 320 11.26 -9.05 -1.52
N LEU A 321 11.86 -10.19 -1.16
CA LEU A 321 12.08 -11.32 -2.07
C LEU A 321 10.81 -11.99 -2.60
N ALA A 322 9.93 -12.40 -1.70
CA ALA A 322 8.74 -13.17 -2.06
C ALA A 322 7.71 -12.35 -2.83
N ASN A 323 6.95 -11.54 -2.09
CA ASN A 323 5.84 -10.75 -2.65
C ASN A 323 6.01 -10.44 -4.13
N ALA A 324 6.94 -9.56 -4.44
CA ALA A 324 7.23 -9.14 -5.80
C ALA A 324 7.13 -10.32 -6.77
N GLY A 325 8.03 -11.30 -6.60
CA GLY A 325 8.04 -12.50 -7.43
C GLY A 325 6.64 -13.04 -7.62
N LEU A 326 5.98 -13.34 -6.50
CA LEU A 326 4.65 -13.94 -6.50
C LEU A 326 3.62 -13.11 -7.23
N VAL A 327 3.86 -11.79 -7.30
CA VAL A 327 2.98 -10.90 -8.03
C VAL A 327 2.88 -11.33 -9.49
N ARG A 328 4.05 -11.57 -10.10
CA ARG A 328 4.13 -12.03 -11.47
C ARG A 328 3.17 -13.20 -11.68
N LEU A 329 3.37 -14.25 -10.88
CA LEU A 329 2.66 -15.52 -11.07
C LEU A 329 1.17 -15.45 -10.76
N THR A 330 0.76 -14.42 -10.03
CA THR A 330 -0.66 -14.25 -9.71
C THR A 330 -1.36 -13.53 -10.85
N LEU A 331 -0.63 -12.69 -11.56
CA LEU A 331 -1.12 -12.08 -12.79
C LEU A 331 -1.31 -13.14 -13.86
N PHE A 332 -0.24 -13.87 -14.14
CA PHE A 332 -0.23 -14.90 -15.17
C PHE A 332 -0.77 -16.22 -14.65
N ALA A 333 -1.41 -16.18 -13.48
CA ALA A 333 -2.23 -17.28 -12.98
C ALA A 333 -3.53 -17.29 -13.75
N SER A 334 -3.86 -16.15 -14.36
CA SER A 334 -5.00 -16.00 -15.23
C SER A 334 -4.53 -15.55 -16.63
N ASP A 335 -5.00 -16.24 -17.67
CA ASP A 335 -4.70 -15.91 -19.07
C ASP A 335 -5.70 -14.87 -19.62
N MET A 336 -5.95 -13.83 -18.81
CA MET A 336 -6.87 -12.74 -19.16
C MET A 336 -6.19 -11.37 -19.14
N SER A 337 -7.01 -10.33 -19.17
CA SER A 337 -6.54 -8.94 -19.21
C SER A 337 -5.73 -8.52 -17.99
N LYS A 338 -4.63 -7.81 -18.23
CA LYS A 338 -3.80 -7.22 -17.17
C LYS A 338 -4.65 -6.42 -16.18
N GLY A 339 -5.43 -5.48 -16.70
CA GLY A 339 -6.25 -4.57 -15.90
C GLY A 339 -7.25 -5.21 -14.95
N THR A 340 -7.96 -6.24 -15.42
CA THR A 340 -8.97 -6.92 -14.62
C THR A 340 -8.36 -7.85 -13.58
N VAL A 341 -7.33 -8.61 -13.98
CA VAL A 341 -6.55 -9.38 -13.03
C VAL A 341 -6.02 -8.44 -11.94
N SER A 342 -5.49 -7.30 -12.37
CA SER A 342 -5.03 -6.23 -11.46
C SER A 342 -6.17 -5.70 -10.59
N ALA A 343 -7.31 -5.42 -11.22
CA ALA A 343 -8.48 -4.89 -10.52
C ALA A 343 -8.93 -5.82 -9.42
N ALA A 344 -8.86 -7.13 -9.69
CA ALA A 344 -9.22 -8.15 -8.71
C ALA A 344 -8.20 -8.16 -7.57
N MET A 345 -7.01 -8.67 -7.84
CA MET A 345 -5.96 -8.83 -6.82
C MET A 345 -5.81 -7.64 -5.85
N GLU A 346 -6.13 -6.43 -6.32
CA GLU A 346 -6.11 -5.24 -5.47
C GLU A 346 -7.42 -5.12 -4.64
N MET A 347 -8.57 -5.26 -5.31
CA MET A 347 -9.86 -5.32 -4.63
C MET A 347 -10.00 -6.52 -3.69
N LEU A 348 -8.96 -7.36 -3.67
CA LEU A 348 -8.84 -8.42 -2.69
C LEU A 348 -7.85 -8.02 -1.61
N GLN A 349 -6.57 -7.91 -1.97
CA GLN A 349 -5.51 -7.45 -1.05
C GLN A 349 -5.98 -6.53 0.10
N MET A 350 -6.77 -5.50 -0.22
CA MET A 350 -7.25 -4.54 0.77
C MET A 350 -8.24 -5.18 1.75
N LEU A 351 -9.29 -5.82 1.24
CA LEU A 351 -10.17 -6.62 2.10
C LEU A 351 -9.31 -7.33 3.15
N ILE A 352 -8.31 -8.07 2.67
CA ILE A 352 -7.33 -8.69 3.54
C ILE A 352 -6.72 -7.66 4.49
N PHE A 353 -6.27 -6.53 3.95
CA PHE A 353 -5.58 -5.51 4.75
C PHE A 353 -6.50 -4.71 5.67
N THR A 354 -7.56 -4.15 5.09
CA THR A 354 -8.51 -3.33 5.83
C THR A 354 -9.00 -4.14 7.01
N VAL A 355 -9.73 -5.21 6.73
CA VAL A 355 -10.21 -6.12 7.77
C VAL A 355 -9.02 -6.63 8.57
N GLY A 356 -8.07 -7.26 7.88
CA GLY A 356 -6.84 -7.72 8.54
C GLY A 356 -6.34 -6.82 9.68
N ILE A 357 -6.34 -5.51 9.45
CA ILE A 357 -5.82 -4.55 10.43
C ILE A 357 -6.74 -4.40 11.64
N GLU A 358 -8.05 -4.42 11.39
CA GLU A 358 -9.03 -4.39 12.47
C GLU A 358 -8.92 -5.60 13.38
N ILE A 359 -8.78 -6.78 12.79
CA ILE A 359 -8.62 -7.99 13.57
C ILE A 359 -7.29 -7.94 14.31
N SER A 360 -6.34 -7.22 13.73
CA SER A 360 -5.06 -7.01 14.37
C SER A 360 -5.21 -5.99 15.50
N LYS A 361 -6.24 -5.16 15.40
CA LYS A 361 -6.45 -4.06 16.35
C LYS A 361 -6.74 -4.57 17.75
N HIS A 362 -7.95 -5.12 17.94
CA HIS A 362 -8.37 -5.72 19.20
C HIS A 362 -7.36 -6.72 19.71
N ALA A 363 -6.76 -7.47 18.80
CA ALA A 363 -5.71 -8.41 19.15
C ALA A 363 -4.68 -7.79 20.09
N TRP A 364 -4.35 -6.52 19.90
CA TRP A 364 -3.32 -5.86 20.71
C TRP A 364 -3.85 -5.41 22.06
N LEU A 365 -5.00 -4.75 22.02
CA LEU A 365 -5.62 -4.22 23.21
C LEU A 365 -5.84 -5.35 24.19
N ASN A 366 -6.78 -6.21 23.86
CA ASN A 366 -7.22 -7.31 24.71
C ASN A 366 -6.10 -8.27 25.04
N GLY A 367 -5.52 -8.87 24.00
CA GLY A 367 -4.46 -9.85 24.19
C GLY A 367 -3.15 -9.27 24.70
N GLY A 368 -2.93 -7.99 24.47
CA GLY A 368 -1.65 -7.35 24.82
C GLY A 368 -0.72 -7.31 23.62
N ASN A 369 0.54 -7.66 23.84
CA ASN A 369 1.54 -7.69 22.75
C ASN A 369 1.78 -9.07 22.17
N GLY A 370 1.47 -10.11 22.95
CA GLY A 370 1.62 -11.51 22.52
C GLY A 370 0.68 -11.86 21.38
N LEU A 371 -0.61 -11.92 21.70
CA LEU A 371 -1.67 -12.20 20.72
C LEU A 371 -1.40 -11.55 19.35
N PHE A 372 -1.08 -10.25 19.38
CA PHE A 372 -0.64 -9.48 18.21
C PHE A 372 0.32 -10.27 17.29
N ASN A 373 1.42 -10.77 17.86
CA ASN A 373 2.41 -11.53 17.11
C ASN A 373 1.95 -12.93 16.66
N LEU A 374 0.94 -13.47 17.34
CA LEU A 374 0.37 -14.75 16.97
C LEU A 374 -0.58 -14.53 15.80
N PHE A 375 -1.43 -13.52 15.95
CA PHE A 375 -2.13 -12.99 14.78
C PHE A 375 -1.20 -12.18 13.82
N ASN A 376 0.10 -12.45 13.94
CA ASN A 376 1.01 -12.20 12.87
C ASN A 376 1.30 -13.51 12.20
N LEU A 377 1.66 -14.54 13.01
CA LEU A 377 1.94 -16.06 12.67
C LEU A 377 0.90 -16.67 11.93
N VAL A 378 -0.31 -16.54 12.45
CA VAL A 378 -1.38 -16.93 11.60
C VAL A 378 -1.04 -16.71 10.21
N ASN A 379 -0.71 -15.49 9.78
CA ASN A 379 -0.76 -15.15 8.35
C ASN A 379 0.45 -15.66 7.57
N GLY A 380 1.51 -15.78 8.34
CA GLY A 380 2.63 -16.59 7.99
C GLY A 380 2.03 -17.94 7.75
N ILE A 381 1.29 -18.47 8.73
CA ILE A 381 0.79 -19.85 8.58
C ILE A 381 -0.06 -19.78 7.32
N LEU A 382 -1.14 -19.04 7.45
CA LEU A 382 -2.02 -18.78 6.34
C LEU A 382 -1.37 -18.78 4.94
N TRP A 383 -0.43 -17.87 4.75
CA TRP A 383 0.27 -17.72 3.49
C TRP A 383 0.85 -19.04 3.07
N LEU A 384 1.69 -19.60 3.95
CA LEU A 384 2.39 -20.86 3.72
C LEU A 384 1.52 -22.00 3.30
N SER A 385 0.37 -22.13 3.97
CA SER A 385 -0.64 -23.08 3.56
C SER A 385 -0.90 -22.89 2.06
N LEU A 386 -1.32 -21.68 1.69
CA LEU A 386 -1.60 -21.32 0.29
C LEU A 386 -0.47 -21.67 -0.67
N MET A 387 0.74 -21.74 -0.15
CA MET A 387 1.88 -22.11 -0.98
C MET A 387 1.97 -23.60 -1.22
N VAL A 388 1.75 -24.39 -0.17
CA VAL A 388 1.80 -25.85 -0.29
C VAL A 388 0.87 -26.33 -1.40
N ILE A 389 -0.20 -25.57 -1.64
CA ILE A 389 -1.08 -25.82 -2.75
C ILE A 389 -0.46 -25.20 -3.99
N PHE A 390 -0.36 -23.86 -4.00
CA PHE A 390 0.03 -23.06 -5.18
C PHE A 390 1.06 -23.73 -6.11
N LEU A 391 2.28 -23.98 -5.59
CA LEU A 391 3.35 -24.50 -6.45
C LEU A 391 3.27 -26.02 -6.72
N LYS A 392 2.91 -26.79 -5.68
CA LYS A 392 2.80 -28.24 -5.79
C LYS A 392 1.34 -28.70 -5.73
C1 DXC B . 4.10 -4.70 0.46
C2 DXC B . 4.68 -3.53 -0.32
C3 DXC B . 3.75 -2.30 -0.30
C4 DXC B . 2.27 -2.58 -0.70
C5 DXC B . 1.76 -3.86 -0.03
C6 DXC B . 2.72 -5.05 -0.11
C7 DXC B . 4.42 -1.22 -1.15
C8 DXC B . 4.30 -1.52 -2.64
C9 DXC B . 2.83 -1.58 -3.03
C10 DXC B . 2.08 -2.68 -2.24
C11 DXC B . 2.62 -1.88 -4.52
C12 DXC B . 1.16 -1.72 -4.95
C13 DXC B . 0.36 -2.78 -4.19
C14 DXC B . 0.61 -2.77 -2.68
C15 DXC B . 3.48 -1.17 -5.55
C16 DXC B . 2.70 -1.41 -6.83
C17 DXC B . 1.28 -1.89 -6.48
C18 DXC B . 1.43 -1.43 -0.13
C19 DXC B . 0.19 -1.26 -7.41
O1 DXC B . 0.63 -4.09 -4.73
O2 DXC B . 5.00 -5.82 0.36
C20 DXC B . 0.60 -0.33 -4.58
C21 DXC B . 0.48 -1.47 -8.90
C22 DXC B . 1.14 -0.25 -9.57
C23 DXC B . 2.63 -0.52 -9.75
O3 DXC B . 3.46 0.29 -9.27
O4 DXC B . 2.96 -1.55 -10.38
C24 DXC B . -1.20 -1.82 -7.15
#